data_4O65
#
_entry.id   4O65
#
_cell.length_a   47.886
_cell.length_b   47.886
_cell.length_c   192.614
_cell.angle_alpha   90.00
_cell.angle_beta   90.00
_cell.angle_gamma   90.00
#
_symmetry.space_group_name_H-M   'P 43 21 2'
#
loop_
_entity.id
_entity.type
_entity.pdbx_description
1 polymer 'Putative archaeal ammonia monooxygenase subunit B'
2 non-polymer 'COPPER (II) ION'
3 non-polymer 'SULFATE ION'
4 water water
#
_entity_poly.entity_id   1
_entity_poly.type   'polypeptide(L)'
_entity_poly.pdbx_seq_one_letter_code
;HGVQAQLQSRFVKIEDETFSATRLITKAEFAKRTFGNSDLETLKQVDAMGCDPARRQDVLIVTGRLVSQVKQDLNAWISL
FTEASNAGNRWEFISRDPPGNVFTIPGGGEVPYKLCLSALEPGTYHAHTQLNIASVGPGLGPGMSIVVEGEPTEKPSAWS
HPQFEK
;
_entity_poly.pdbx_strand_id   A
#
# COMPACT_ATOMS: atom_id res chain seq x y z
N GLN A 6 18.90 0.50 13.83
CA GLN A 6 17.50 1.02 13.62
C GLN A 6 17.12 1.27 12.15
N LEU A 7 15.84 1.05 11.85
CA LEU A 7 15.47 1.12 10.45
C LEU A 7 14.78 2.44 10.09
N GLN A 8 14.60 3.33 11.08
CA GLN A 8 14.10 4.68 10.78
C GLN A 8 15.22 5.58 10.21
N SER A 9 14.83 6.44 9.26
CA SER A 9 15.70 7.52 8.86
C SER A 9 15.88 8.50 10.02
N ARG A 10 17.07 9.06 10.16
CA ARG A 10 17.26 10.17 11.12
C ARG A 10 16.75 11.50 10.59
N PHE A 11 16.47 11.54 9.29
CA PHE A 11 16.01 12.79 8.66
C PHE A 11 14.51 12.99 8.84
N VAL A 12 13.73 11.93 8.63
CA VAL A 12 12.24 12.03 8.77
C VAL A 12 11.81 10.74 9.42
N LYS A 13 11.10 10.83 10.55
CA LYS A 13 10.64 9.62 11.27
C LYS A 13 9.24 9.27 10.85
N ILE A 14 8.94 7.99 10.79
CA ILE A 14 7.57 7.50 10.49
C ILE A 14 6.98 7.18 11.88
N GLU A 15 6.01 7.98 12.31
CA GLU A 15 5.47 7.85 13.65
C GLU A 15 3.97 7.45 13.64
N ASP A 16 3.55 6.82 14.75
CA ASP A 16 2.10 6.53 14.95
C ASP A 16 1.52 5.67 13.85
N GLU A 17 2.33 4.75 13.35
CA GLU A 17 1.88 3.88 12.24
C GLU A 17 0.73 2.97 12.75
N THR A 18 -0.38 2.84 11.97
CA THR A 18 -1.48 1.98 12.42
C THR A 18 -1.89 1.18 11.20
N PHE A 19 -2.21 -0.10 11.40
CA PHE A 19 -2.66 -0.95 10.31
C PHE A 19 -4.11 -1.26 10.60
N SER A 20 -4.95 -1.22 9.55
CA SER A 20 -6.41 -1.43 9.81
C SER A 20 -6.78 -2.89 10.07
N ALA A 21 -5.94 -3.83 9.66
CA ALA A 21 -6.27 -5.25 9.85
C ALA A 21 -5.01 -6.08 9.86
N THR A 22 -5.10 -7.28 10.44
CA THR A 22 -3.97 -8.19 10.37
C THR A 22 -4.36 -9.47 9.64
N ARG A 23 -5.60 -9.59 9.19
CA ARG A 23 -6.01 -10.78 8.42
C ARG A 23 -6.85 -10.29 7.26
N LEU A 24 -6.51 -10.71 6.05
CA LEU A 24 -7.25 -10.26 4.86
C LEU A 24 -7.44 -11.44 3.96
N ILE A 25 -8.20 -11.25 2.89
CA ILE A 25 -8.24 -12.24 1.79
C ILE A 25 -7.73 -11.57 0.52
N THR A 26 -7.44 -12.34 -0.52
CA THR A 26 -6.93 -11.70 -1.77
C THR A 26 -8.04 -11.00 -2.52
N LYS A 27 -7.67 -10.12 -3.46
CA LYS A 27 -8.66 -9.45 -4.31
C LYS A 27 -9.46 -10.52 -5.09
N ALA A 28 -8.75 -11.52 -5.62
CA ALA A 28 -9.46 -12.60 -6.30
C ALA A 28 -10.45 -13.36 -5.40
N GLU A 29 -10.02 -13.67 -4.16
CA GLU A 29 -10.90 -14.42 -3.23
C GLU A 29 -12.15 -13.55 -2.93
N PHE A 30 -11.94 -12.26 -2.78
CA PHE A 30 -13.07 -11.34 -2.55
C PHE A 30 -14.01 -11.27 -3.77
N ALA A 31 -13.43 -11.21 -4.96
CA ALA A 31 -14.24 -11.23 -6.22
C ALA A 31 -15.05 -12.50 -6.33
N LYS A 32 -14.39 -13.63 -6.06
CA LYS A 32 -15.07 -14.93 -6.14
C LYS A 32 -16.28 -14.96 -5.18
N ARG A 33 -16.07 -14.51 -3.95
CA ARG A 33 -17.10 -14.63 -2.88
C ARG A 33 -18.26 -13.70 -3.21
N THR A 34 -17.93 -12.57 -3.83
CA THR A 34 -18.92 -11.45 -4.00
C THR A 34 -19.68 -11.54 -5.31
N PHE A 35 -18.92 -11.86 -6.36
CA PHE A 35 -19.43 -11.91 -7.77
C PHE A 35 -19.49 -13.30 -8.37
N GLY A 36 -18.83 -14.27 -7.75
CA GLY A 36 -18.87 -15.63 -8.24
C GLY A 36 -17.69 -16.03 -9.12
N ASN A 37 -16.77 -15.09 -9.39
CA ASN A 37 -15.62 -15.43 -10.29
C ASN A 37 -14.58 -14.36 -10.09
N SER A 38 -13.35 -14.66 -10.48
CA SER A 38 -12.25 -13.65 -10.35
C SER A 38 -11.61 -13.25 -11.72
N ASP A 39 -12.44 -13.15 -12.75
CA ASP A 39 -12.00 -12.84 -14.14
C ASP A 39 -11.44 -11.42 -14.07
N LEU A 40 -10.60 -11.04 -15.01
CA LEU A 40 -10.10 -9.63 -15.02
C LEU A 40 -11.23 -8.59 -14.98
N GLU A 41 -12.33 -8.84 -15.70
CA GLU A 41 -13.46 -7.91 -15.70
C GLU A 41 -14.10 -7.74 -14.34
N THR A 42 -14.18 -8.85 -13.60
CA THR A 42 -14.78 -8.79 -12.27
C THR A 42 -13.81 -8.11 -11.28
N LEU A 43 -12.53 -8.32 -11.46
CA LEU A 43 -11.53 -7.61 -10.62
C LEU A 43 -11.67 -6.09 -10.82
N LYS A 44 -11.98 -5.64 -12.04
CA LYS A 44 -12.32 -4.20 -12.25
C LYS A 44 -13.57 -3.70 -11.54
N GLN A 45 -14.57 -4.57 -11.34
CA GLN A 45 -15.73 -4.21 -10.56
C GLN A 45 -15.31 -4.05 -9.08
N VAL A 46 -14.39 -4.88 -8.63
CA VAL A 46 -13.91 -4.75 -7.22
C VAL A 46 -13.15 -3.41 -7.14
N ASP A 47 -12.30 -3.16 -8.12
CA ASP A 47 -11.53 -1.88 -8.12
C ASP A 47 -12.42 -0.66 -8.05
N ALA A 48 -13.58 -0.73 -8.69
CA ALA A 48 -14.55 0.33 -8.69
C ALA A 48 -15.07 0.69 -7.28
N MET A 49 -14.97 -0.24 -6.33
CA MET A 49 -15.38 0.04 -4.96
C MET A 49 -14.41 1.02 -4.27
N GLY A 50 -13.19 1.13 -4.78
CA GLY A 50 -12.16 2.00 -4.13
C GLY A 50 -11.76 1.58 -2.73
N CYS A 51 -11.32 2.56 -1.91
CA CYS A 51 -10.76 2.24 -0.58
C CYS A 51 -11.86 2.06 0.43
N ASP A 52 -12.43 0.85 0.46
CA ASP A 52 -13.62 0.61 1.28
C ASP A 52 -13.43 -0.73 1.98
N PRO A 53 -12.55 -0.78 3.02
CA PRO A 53 -12.29 -2.06 3.61
C PRO A 53 -13.45 -2.61 4.43
N ALA A 54 -14.47 -1.82 4.76
CA ALA A 54 -15.66 -2.37 5.41
C ALA A 54 -16.42 -3.28 4.46
N ARG A 55 -16.39 -2.93 3.17
CA ARG A 55 -17.02 -3.75 2.12
C ARG A 55 -16.03 -4.80 1.56
N ARG A 56 -14.80 -4.39 1.30
CA ARG A 56 -13.80 -5.23 0.60
C ARG A 56 -12.87 -5.87 1.60
N GLN A 57 -12.85 -7.19 1.63
CA GLN A 57 -12.04 -7.90 2.63
C GLN A 57 -10.59 -8.06 2.16
N ASP A 58 -10.24 -7.47 1.03
CA ASP A 58 -8.86 -7.49 0.55
C ASP A 58 -8.08 -6.18 0.82
N VAL A 59 -8.73 -5.23 1.49
CA VAL A 59 -8.15 -3.89 1.59
C VAL A 59 -7.51 -3.65 2.95
N LEU A 60 -6.31 -3.09 2.89
CA LEU A 60 -5.53 -2.62 4.06
C LEU A 60 -5.38 -1.13 4.01
N ILE A 61 -5.66 -0.47 5.15
CA ILE A 61 -5.29 0.93 5.34
C ILE A 61 -4.14 1.03 6.35
N VAL A 62 -3.11 1.81 5.98
CA VAL A 62 -2.02 2.07 6.91
C VAL A 62 -2.00 3.58 7.05
N THR A 63 -1.97 4.05 8.30
CA THR A 63 -1.91 5.49 8.51
C THR A 63 -0.77 5.81 9.45
N GLY A 64 -0.34 7.07 9.43
CA GLY A 64 0.74 7.51 10.37
C GLY A 64 1.09 8.97 10.11
N ARG A 65 2.26 9.40 10.61
CA ARG A 65 2.62 10.77 10.38
C ARG A 65 4.11 10.74 10.07
N LEU A 66 4.53 11.57 9.11
CA LEU A 66 5.96 11.71 8.76
C LEU A 66 6.43 12.97 9.44
N VAL A 67 7.48 12.82 10.25
CA VAL A 67 7.91 13.95 11.10
C VAL A 67 9.34 14.32 10.78
N SER A 68 9.52 15.53 10.25
CA SER A 68 10.86 15.96 9.79
C SER A 68 11.74 16.44 10.92
N GLN A 69 13.00 16.00 10.91
CA GLN A 69 14.02 16.42 11.86
C GLN A 69 15.11 17.27 11.22
N VAL A 70 14.87 17.71 9.99
CA VAL A 70 15.89 18.52 9.28
C VAL A 70 15.37 19.96 9.08
N LYS A 71 16.27 20.86 8.73
CA LYS A 71 15.90 22.27 8.68
C LYS A 71 15.19 22.65 7.40
N GLN A 72 15.37 21.88 6.34
CA GLN A 72 14.86 22.33 5.08
C GLN A 72 13.81 21.39 4.59
N ASP A 73 13.01 21.84 3.63
CA ASP A 73 12.04 20.99 2.95
C ASP A 73 12.73 19.83 2.21
N LEU A 74 12.08 18.68 2.28
CA LEU A 74 12.52 17.47 1.56
C LEU A 74 11.44 16.98 0.64
N ASN A 75 11.88 16.29 -0.41
CA ASN A 75 10.95 15.59 -1.33
C ASN A 75 10.98 14.09 -1.01
N ALA A 76 9.82 13.48 -1.05
CA ALA A 76 9.68 12.07 -0.66
C ALA A 76 8.56 11.35 -1.38
N TRP A 77 8.63 10.01 -1.36
CA TRP A 77 7.49 9.17 -1.76
C TRP A 77 7.38 8.00 -0.78
N ILE A 78 6.18 7.42 -0.74
CA ILE A 78 5.86 6.45 0.25
C ILE A 78 5.37 5.15 -0.39
N SER A 79 5.68 4.02 0.23
CA SER A 79 5.24 2.77 -0.32
C SER A 79 5.11 1.79 0.84
N LEU A 80 4.78 0.55 0.52
CA LEU A 80 4.68 -0.51 1.55
C LEU A 80 5.77 -1.50 1.28
N PHE A 81 6.59 -1.75 2.29
CA PHE A 81 7.65 -2.77 2.23
C PHE A 81 7.13 -4.07 2.79
N THR A 82 7.30 -5.15 1.99
CA THR A 82 6.77 -6.53 2.15
C THR A 82 5.41 -6.78 2.74
N ASN A 89 3.11 -6.16 -7.13
CA ASN A 89 3.45 -7.60 -7.13
C ASN A 89 2.53 -8.52 -6.28
N ARG A 90 2.69 -8.46 -4.97
CA ARG A 90 1.81 -9.20 -4.08
C ARG A 90 0.73 -8.29 -3.50
N TRP A 91 0.97 -6.97 -3.60
CA TRP A 91 0.05 -5.90 -3.10
C TRP A 91 -0.10 -4.89 -4.20
N GLU A 92 -1.20 -4.15 -4.22
CA GLU A 92 -1.45 -3.13 -5.22
C GLU A 92 -1.90 -1.86 -4.51
N PHE A 93 -1.39 -0.68 -4.89
CA PHE A 93 -1.96 0.56 -4.37
C PHE A 93 -3.35 0.84 -4.89
N ILE A 94 -4.19 1.31 -3.99
CA ILE A 94 -5.49 1.81 -4.33
C ILE A 94 -5.40 3.35 -4.27
N SER A 95 -4.80 3.89 -3.20
CA SER A 95 -4.70 5.30 -3.04
C SER A 95 -3.61 5.65 -2.04
N ARG A 96 -3.15 6.90 -2.13
CA ARG A 96 -2.13 7.43 -1.22
C ARG A 96 -2.50 8.83 -0.85
N ASP A 97 -2.22 9.21 0.40
CA ASP A 97 -2.28 10.62 0.79
C ASP A 97 -1.00 10.86 1.58
N PRO A 98 -0.22 11.90 1.24
CA PRO A 98 -0.40 12.86 0.12
C PRO A 98 -0.52 12.15 -1.24
N PRO A 99 -1.23 12.75 -2.22
CA PRO A 99 -1.49 12.09 -3.52
C PRO A 99 -0.38 12.14 -4.59
N GLY A 100 0.53 13.10 -4.58
CA GLY A 100 1.48 13.14 -5.73
C GLY A 100 2.45 11.93 -5.73
N ASN A 101 3.06 11.62 -6.88
CA ASN A 101 4.16 10.62 -6.98
C ASN A 101 5.31 10.96 -6.03
N VAL A 102 5.59 12.26 -5.91
CA VAL A 102 6.54 12.80 -4.91
C VAL A 102 5.81 13.94 -4.18
N PHE A 103 6.05 14.10 -2.89
CA PHE A 103 5.46 15.24 -2.17
C PHE A 103 6.50 15.92 -1.29
N THR A 104 6.14 17.09 -0.74
CA THR A 104 7.08 17.82 0.09
C THR A 104 6.85 17.56 1.56
N ILE A 105 7.95 17.38 2.29
CA ILE A 105 7.87 17.33 3.72
C ILE A 105 8.51 18.59 4.27
N PRO A 106 7.71 19.48 4.87
CA PRO A 106 8.30 20.77 5.25
C PRO A 106 9.35 20.58 6.32
N GLY A 107 10.37 21.40 6.26
CA GLY A 107 11.40 21.43 7.30
C GLY A 107 10.88 21.54 8.72
N GLY A 108 11.18 20.55 9.56
CA GLY A 108 10.75 20.54 10.94
C GLY A 108 9.26 20.33 11.12
N GLY A 109 8.55 20.01 10.03
CA GLY A 109 7.08 19.91 10.04
C GLY A 109 6.64 18.45 9.98
N GLU A 110 5.34 18.25 9.74
CA GLU A 110 4.69 16.94 9.94
C GLU A 110 3.80 16.76 8.71
N VAL A 111 3.74 15.54 8.18
CA VAL A 111 2.85 15.24 7.04
C VAL A 111 2.06 13.97 7.47
N PRO A 112 0.74 14.08 7.71
CA PRO A 112 -0.04 12.84 7.92
C PRO A 112 -0.10 12.06 6.64
N TYR A 113 -0.08 10.72 6.73
CA TYR A 113 -0.18 9.91 5.49
C TYR A 113 -1.23 8.83 5.65
N LYS A 114 -1.71 8.35 4.51
CA LYS A 114 -2.65 7.22 4.47
C LYS A 114 -2.37 6.44 3.19
N LEU A 115 -2.11 5.15 3.35
CA LEU A 115 -1.90 4.26 2.23
C LEU A 115 -3.06 3.26 2.23
N CYS A 116 -3.62 3.04 1.05
CA CYS A 116 -4.72 2.09 0.92
C CYS A 116 -4.26 1.11 -0.16
N LEU A 117 -4.28 -0.19 0.16
CA LEU A 117 -3.75 -1.25 -0.73
C LEU A 117 -4.68 -2.44 -0.78
N SER A 118 -4.63 -3.14 -1.91
CA SER A 118 -5.32 -4.40 -2.09
C SER A 118 -4.29 -5.55 -1.97
N ALA A 119 -4.57 -6.54 -1.13
CA ALA A 119 -3.74 -7.75 -1.11
C ALA A 119 -4.04 -8.58 -2.35
N LEU A 120 -3.00 -8.94 -3.11
CA LEU A 120 -3.21 -9.74 -4.35
C LEU A 120 -2.94 -11.25 -4.19
N GLU A 121 -2.00 -11.59 -3.32
CA GLU A 121 -1.54 -13.00 -3.27
C GLU A 121 -1.47 -13.49 -1.85
N PRO A 122 -1.80 -14.77 -1.65
CA PRO A 122 -1.84 -15.30 -0.30
C PRO A 122 -0.42 -15.38 0.30
N GLY A 123 -0.35 -15.26 1.62
CA GLY A 123 0.91 -15.37 2.30
C GLY A 123 0.87 -14.67 3.65
N THR A 124 1.99 -14.76 4.34
CA THR A 124 2.13 -14.10 5.66
C THR A 124 3.20 -13.07 5.44
N TYR A 125 2.86 -11.80 5.69
CA TYR A 125 3.73 -10.68 5.30
C TYR A 125 4.11 -9.89 6.55
N HIS A 126 5.36 -9.49 6.67
CA HIS A 126 5.70 -8.56 7.73
C HIS A 126 5.81 -7.22 7.03
N ALA A 127 4.81 -6.38 7.19
CA ALA A 127 4.68 -5.17 6.36
C ALA A 127 5.09 -3.95 7.15
N HIS A 128 5.70 -2.98 6.43
CA HIS A 128 6.18 -1.73 7.03
C HIS A 128 5.86 -0.62 6.11
N THR A 129 5.51 0.51 6.68
CA THR A 129 5.55 1.74 5.87
C THR A 129 7.00 1.97 5.39
N GLN A 130 7.18 2.26 4.10
CA GLN A 130 8.51 2.62 3.62
C GLN A 130 8.52 4.06 3.10
N LEU A 131 9.39 4.91 3.68
CA LEU A 131 9.52 6.26 3.16
C LEU A 131 10.76 6.32 2.33
N ASN A 132 10.73 6.96 1.14
CA ASN A 132 11.96 7.27 0.41
C ASN A 132 12.16 8.74 0.33
N ILE A 133 13.27 9.20 0.91
CA ILE A 133 13.58 10.62 0.89
C ILE A 133 14.50 10.83 -0.31
N ALA A 134 14.09 11.70 -1.24
CA ALA A 134 14.89 11.92 -2.50
C ALA A 134 16.26 12.40 -2.10
N SER A 135 17.28 11.76 -2.69
CA SER A 135 18.71 12.12 -2.50
C SER A 135 19.29 11.64 -1.15
N VAL A 136 18.46 10.96 -0.37
CA VAL A 136 18.93 10.51 0.95
C VAL A 136 18.84 8.99 1.08
N GLY A 137 17.64 8.43 0.96
CA GLY A 137 17.44 6.98 1.12
C GLY A 137 16.16 6.68 1.89
N PRO A 138 16.09 5.46 2.43
CA PRO A 138 14.84 4.90 2.95
C PRO A 138 14.72 5.07 4.47
N GLY A 139 13.48 4.98 4.92
CA GLY A 139 13.18 4.79 6.38
C GLY A 139 12.07 3.79 6.41
N LEU A 140 12.07 2.90 7.41
CA LEU A 140 11.00 1.92 7.55
C LEU A 140 10.33 2.11 8.90
N GLY A 141 9.00 2.09 8.91
CA GLY A 141 8.30 2.14 10.21
C GLY A 141 8.32 0.72 10.81
N PRO A 142 7.73 0.58 12.01
CA PRO A 142 7.65 -0.68 12.75
C PRO A 142 6.88 -1.70 11.90
N GLY A 143 7.27 -2.95 11.95
CA GLY A 143 6.51 -3.89 11.08
C GLY A 143 5.22 -4.34 11.74
N MET A 144 4.34 -4.99 10.97
CA MET A 144 3.25 -5.75 11.57
C MET A 144 2.98 -6.95 10.69
N SER A 145 2.75 -8.12 11.32
CA SER A 145 2.47 -9.33 10.57
C SER A 145 1.02 -9.34 10.05
N ILE A 146 0.86 -9.54 8.73
CA ILE A 146 -0.49 -9.59 8.13
C ILE A 146 -0.60 -10.91 7.38
N VAL A 147 -1.64 -11.65 7.67
CA VAL A 147 -1.87 -12.95 6.96
C VAL A 147 -2.94 -12.71 5.88
N VAL A 148 -2.63 -13.11 4.66
CA VAL A 148 -3.60 -13.00 3.54
C VAL A 148 -3.96 -14.42 3.10
N GLU A 149 -5.24 -14.72 3.09
CA GLU A 149 -5.70 -16.04 2.63
C GLU A 149 -6.44 -15.95 1.32
N GLY A 150 -6.55 -17.06 0.63
CA GLY A 150 -7.41 -17.06 -0.57
C GLY A 150 -6.68 -17.29 -1.87
N GLU A 151 -7.45 -17.36 -2.95
CA GLU A 151 -6.83 -17.76 -4.22
C GLU A 151 -5.94 -16.66 -4.75
N PRO A 152 -4.87 -17.05 -5.46
CA PRO A 152 -3.99 -16.06 -6.07
C PRO A 152 -4.75 -15.19 -7.05
N THR A 153 -4.44 -13.90 -7.12
CA THR A 153 -5.09 -13.00 -8.07
C THR A 153 -4.26 -13.05 -9.38
N GLU A 154 -4.97 -13.30 -10.46
CA GLU A 154 -4.32 -13.36 -11.79
C GLU A 154 -3.92 -11.97 -12.29
N LYS A 155 -2.89 -11.94 -13.11
CA LYS A 155 -2.50 -10.67 -13.74
C LYS A 155 -2.66 -10.87 -15.26
N PRO A 156 -2.86 -9.79 -16.02
CA PRO A 156 -2.99 -9.97 -17.45
C PRO A 156 -1.66 -10.43 -18.02
N SER A 157 -1.71 -11.19 -19.10
CA SER A 157 -0.50 -11.65 -19.78
C SER A 157 0.40 -10.50 -20.20
N ALA A 158 1.73 -10.73 -20.16
CA ALA A 158 2.67 -9.79 -20.76
C ALA A 158 2.92 -10.06 -22.27
N TRP A 159 2.25 -11.04 -22.86
CA TRP A 159 2.42 -11.27 -24.30
C TRP A 159 1.80 -10.19 -25.16
N SER A 160 2.50 -9.77 -26.21
CA SER A 160 1.89 -8.81 -27.14
C SER A 160 2.26 -9.08 -28.58
N HIS A 161 1.40 -8.60 -29.49
CA HIS A 161 1.56 -8.84 -30.90
C HIS A 161 1.03 -7.58 -31.59
N PRO A 162 1.43 -7.32 -32.85
CA PRO A 162 0.69 -6.31 -33.68
C PRO A 162 -0.84 -6.48 -33.63
N GLN A 163 -1.59 -5.38 -33.69
CA GLN A 163 -3.05 -5.51 -33.56
C GLN A 163 -3.59 -6.46 -34.65
N PHE A 164 -4.52 -7.33 -34.26
CA PHE A 164 -5.10 -8.30 -35.21
C PHE A 164 -6.16 -7.74 -36.16
#